data_6Z5C
#
_entry.id   6Z5C
#
_cell.length_a   78.790
_cell.length_b   78.880
_cell.length_c   80.730
_cell.angle_alpha   90.000
_cell.angle_beta   90.000
_cell.angle_gamma   90.000
#
_symmetry.space_group_name_H-M   'P 21 21 21'
#
loop_
_entity.id
_entity.type
_entity.pdbx_description
1 polymer 'Serine/threonine-protein kinase haspin'
2 non-polymer 'DIMETHYL SULFOXIDE'
3 non-polymer 'SODIUM ION'
4 non-polymer 'PHOSPHATE ION'
5 non-polymer 'SUCCINIC ACID'
6 non-polymer '7,10-Dioxa-13,17,18,21-tetrazatetracyclo[12.5.2.12,6.017,20]docosa-1(20),2(22),3,5,14(21),15,18-heptaene-5-carboxylic acid'
7 water water
#
_entity_poly.entity_id   1
_entity_poly.type   'polypeptide(L)'
_entity_poly.pdbx_seq_one_letter_code
;MHHHHHHSSGVDLGTENLYFQSMGECSQKGPVPFSHCLPTEKLQRCEKIGEGVFGEVFQTIADHTPVAIKIIAIEGPDLV
NGSHQKTFEEILPEIIISKELSLLSGEVCNRTEGFIGLNSVHCVQGSYPPLLLKAWDHYNSTKGSANDRPDFFKDDQLFI
VLEFEFGGIDLEQMRTKLSSLATAKSILHQLTASLAVAEASLRFEHRDLHWGNVLLKKTSLKKLHYTLNGKSSTIPSCGL
QVSIIDYTLSRLERDGIVVFCDVSMDEDLFTGDGDYQFDIYRLMKKENNNRWGEYHPYSNVLWLHYLTDKMLKQMTFKTK
CNTPAMKQIKRKIQEFHRTMLNFSSATDLLCQHSLFK
;
_entity_poly.pdbx_strand_id   A
#
# COMPACT_ATOMS: atom_id res chain seq x y z
N LYS A 29 25.89 -2.32 12.30
CA LYS A 29 27.29 -1.85 12.57
C LYS A 29 27.75 -0.76 11.55
N GLY A 30 27.44 -0.99 10.28
CA GLY A 30 27.66 -0.01 9.18
C GLY A 30 26.88 -0.54 7.98
N PRO A 31 26.92 0.14 6.83
CA PRO A 31 26.25 -0.45 5.65
C PRO A 31 26.85 -1.81 5.17
N VAL A 32 26.03 -2.68 4.61
CA VAL A 32 26.46 -4.02 4.11
C VAL A 32 26.49 -4.01 2.57
N PRO A 33 27.22 -4.97 1.92
CA PRO A 33 27.18 -5.06 0.45
C PRO A 33 25.88 -5.64 0.00
N PHE A 34 25.51 -5.39 -1.26
CA PHE A 34 24.28 -5.94 -1.76
C PHE A 34 24.23 -7.44 -1.47
N SER A 35 25.35 -8.16 -1.63
CA SER A 35 25.31 -9.64 -1.56
C SER A 35 24.96 -10.15 -0.15
N HIS A 36 24.94 -9.25 0.84
CA HIS A 36 24.36 -9.57 2.15
C HIS A 36 22.85 -9.82 2.17
N CYS A 37 22.08 -9.00 1.48
CA CYS A 37 20.66 -9.17 1.35
C CYS A 37 20.29 -10.04 0.20
N LEU A 38 21.14 -10.01 -0.81
CA LEU A 38 20.87 -10.72 -2.02
C LEU A 38 22.07 -11.63 -2.35
N PRO A 39 22.20 -12.74 -1.61
CA PRO A 39 23.17 -13.74 -1.97
C PRO A 39 22.92 -14.15 -3.43
N THR A 40 23.88 -14.83 -4.04
CA THR A 40 23.85 -15.00 -5.49
CA THR A 40 23.87 -15.07 -5.49
C THR A 40 22.60 -15.73 -5.98
N GLU A 41 22.14 -16.77 -5.29
CA GLU A 41 20.95 -17.48 -5.75
C GLU A 41 19.70 -16.58 -5.75
N LYS A 42 19.54 -15.82 -4.69
CA LYS A 42 18.45 -14.85 -4.56
C LYS A 42 18.55 -13.78 -5.63
N LEU A 43 19.77 -13.32 -5.89
CA LEU A 43 19.97 -12.29 -6.89
C LEU A 43 19.65 -12.82 -8.28
N GLN A 44 20.08 -14.04 -8.56
CA GLN A 44 19.87 -14.66 -9.86
C GLN A 44 18.37 -14.91 -10.13
N ARG A 45 17.56 -14.97 -9.09
CA ARG A 45 16.11 -15.19 -9.26
C ARG A 45 15.29 -13.89 -9.28
N CYS A 46 15.94 -12.74 -9.18
CA CYS A 46 15.22 -11.47 -9.17
C CYS A 46 14.58 -11.18 -10.54
N GLU A 47 13.29 -10.86 -10.54
CA GLU A 47 12.58 -10.33 -11.70
C GLU A 47 11.93 -9.01 -11.29
N LYS A 48 11.99 -7.98 -12.15
CA LYS A 48 11.41 -6.69 -11.78
C LYS A 48 9.88 -6.72 -11.89
N ILE A 49 9.23 -6.19 -10.88
CA ILE A 49 7.76 -6.20 -10.78
C ILE A 49 7.13 -4.83 -10.69
N GLY A 50 7.91 -3.80 -10.42
CA GLY A 50 7.34 -2.45 -10.33
C GLY A 50 8.40 -1.41 -10.15
N GLU A 51 7.96 -0.15 -10.13
CA GLU A 51 8.87 0.99 -10.08
C GLU A 51 8.12 2.24 -9.67
N GLY A 52 8.88 3.25 -9.32
CA GLY A 52 8.36 4.60 -9.14
C GLY A 52 9.52 5.56 -9.08
N VAL A 53 9.22 6.82 -8.80
CA VAL A 53 10.30 7.79 -8.68
C VAL A 53 11.30 7.31 -7.59
N PHE A 54 10.77 6.68 -6.53
CA PHE A 54 11.62 6.15 -5.45
C PHE A 54 12.72 5.19 -5.88
N GLY A 55 12.52 4.46 -6.97
CA GLY A 55 13.43 3.35 -7.35
C GLY A 55 12.68 2.15 -7.91
N GLU A 56 13.07 0.95 -7.46
CA GLU A 56 12.76 -0.27 -8.16
C GLU A 56 12.22 -1.32 -7.18
N VAL A 57 11.42 -2.23 -7.69
CA VAL A 57 10.87 -3.33 -6.88
C VAL A 57 11.03 -4.61 -7.69
N PHE A 58 11.63 -5.62 -7.05
CA PHE A 58 11.89 -6.92 -7.61
C PHE A 58 11.20 -8.02 -6.81
N GLN A 59 10.80 -9.07 -7.50
CA GLN A 59 10.38 -10.30 -6.82
CA GLN A 59 10.34 -10.31 -6.87
C GLN A 59 11.50 -11.30 -6.92
N THR A 60 11.72 -12.02 -5.82
CA THR A 60 12.66 -13.12 -5.85
C THR A 60 12.12 -14.23 -4.92
N ILE A 61 12.95 -15.25 -4.72
CA ILE A 61 12.56 -16.44 -3.97
C ILE A 61 13.61 -16.69 -2.91
N ALA A 62 13.13 -16.84 -1.67
CA ALA A 62 13.99 -17.22 -0.52
C ALA A 62 13.28 -18.36 0.23
N ASP A 63 13.97 -19.47 0.48
CA ASP A 63 13.34 -20.61 1.17
C ASP A 63 11.96 -20.93 0.55
N HIS A 64 12.00 -21.12 -0.77
CA HIS A 64 10.86 -21.59 -1.57
C HIS A 64 9.68 -20.65 -1.56
N THR A 65 9.88 -19.42 -1.09
CA THR A 65 8.81 -18.45 -0.82
C THR A 65 9.09 -17.13 -1.55
N PRO A 66 8.10 -16.63 -2.32
CA PRO A 66 8.33 -15.31 -2.95
C PRO A 66 8.40 -14.18 -1.98
N VAL A 67 9.25 -13.19 -2.26
CA VAL A 67 9.34 -11.96 -1.47
C VAL A 67 9.52 -10.82 -2.47
N ALA A 68 9.26 -9.63 -2.02
CA ALA A 68 9.43 -8.41 -2.80
C ALA A 68 10.56 -7.59 -2.17
N ILE A 69 11.45 -7.10 -3.01
CA ILE A 69 12.62 -6.32 -2.62
C ILE A 69 12.48 -4.92 -3.20
N LYS A 70 12.37 -3.89 -2.34
CA LYS A 70 12.25 -2.52 -2.78
C LYS A 70 13.61 -1.84 -2.51
N ILE A 71 14.18 -1.17 -3.51
CA ILE A 71 15.52 -0.65 -3.41
C ILE A 71 15.45 0.87 -3.68
N ILE A 72 15.93 1.67 -2.71
CA ILE A 72 15.82 3.13 -2.75
C ILE A 72 17.19 3.72 -2.55
N ALA A 73 17.70 4.49 -3.52
CA ALA A 73 18.97 5.22 -3.34
C ALA A 73 18.74 6.35 -2.33
N ILE A 74 19.65 6.48 -1.37
CA ILE A 74 19.63 7.56 -0.40
C ILE A 74 20.99 8.30 -0.26
N GLU A 75 20.87 9.53 0.23
CA GLU A 75 21.97 10.38 0.73
C GLU A 75 22.91 10.96 -0.30
N GLY A 76 22.74 10.67 -1.57
CA GLY A 76 23.65 11.17 -2.61
C GLY A 76 23.13 12.41 -3.34
N PRO A 77 24.01 13.10 -4.08
CA PRO A 77 23.64 14.38 -4.73
C PRO A 77 23.01 14.22 -6.15
N ASP A 78 23.10 13.02 -6.74
CA ASP A 78 22.63 12.78 -8.10
C ASP A 78 21.10 12.79 -8.15
N LEU A 79 20.51 13.38 -9.18
CA LEU A 79 19.08 13.17 -9.42
C LEU A 79 18.89 11.71 -9.79
N VAL A 80 17.81 11.13 -9.33
CA VAL A 80 17.42 9.74 -9.69
C VAL A 80 15.95 9.80 -10.14
N ASN A 81 15.68 9.40 -11.38
CA ASN A 81 14.35 9.43 -11.92
C ASN A 81 13.78 10.84 -11.88
N GLY A 82 14.66 11.82 -12.06
CA GLY A 82 14.28 13.23 -12.11
C GLY A 82 14.18 13.95 -10.78
N SER A 83 14.37 13.26 -9.65
CA SER A 83 14.18 13.88 -8.32
C SER A 83 15.41 13.65 -7.45
N HIS A 84 15.61 14.54 -6.47
CA HIS A 84 16.66 14.34 -5.50
C HIS A 84 16.41 13.14 -4.63
N GLN A 85 17.52 12.52 -4.20
CA GLN A 85 17.42 11.37 -3.28
C GLN A 85 17.05 11.82 -1.86
N LYS A 86 16.23 11.02 -1.21
CA LYS A 86 15.96 11.24 0.21
C LYS A 86 17.17 11.00 1.07
N THR A 87 17.29 11.78 2.14
CA THR A 87 18.23 11.47 3.20
C THR A 87 17.70 10.36 4.06
N PHE A 88 18.57 9.81 4.89
CA PHE A 88 18.16 8.76 5.81
C PHE A 88 17.01 9.28 6.74
N GLU A 89 17.13 10.52 7.21
CA GLU A 89 16.10 11.14 8.03
C GLU A 89 14.76 11.28 7.31
N GLU A 90 14.79 11.56 6.02
CA GLU A 90 13.56 11.65 5.23
C GLU A 90 12.90 10.31 4.93
N ILE A 91 13.67 9.23 4.84
CA ILE A 91 13.12 7.91 4.50
C ILE A 91 12.67 7.18 5.77
N LEU A 92 13.22 7.56 6.92
CA LEU A 92 12.94 6.84 8.16
C LEU A 92 11.42 6.75 8.51
N PRO A 93 10.66 7.86 8.37
CA PRO A 93 9.25 7.81 8.70
C PRO A 93 8.52 6.71 8.02
N GLU A 94 8.74 6.50 6.73
CA GLU A 94 7.99 5.45 6.07
C GLU A 94 8.38 4.02 6.47
N ILE A 95 9.65 3.84 6.83
CA ILE A 95 10.16 2.57 7.40
C ILE A 95 9.54 2.30 8.77
N ILE A 96 9.50 3.29 9.65
CA ILE A 96 8.86 3.17 10.97
C ILE A 96 7.39 2.78 10.83
N ILE A 97 6.70 3.48 9.93
CA ILE A 97 5.29 3.20 9.72
C ILE A 97 5.11 1.82 9.17
N SER A 98 5.92 1.42 8.19
CA SER A 98 5.84 0.07 7.64
CA SER A 98 5.74 0.09 7.66
C SER A 98 5.88 -1.01 8.72
N LYS A 99 6.85 -0.84 9.62
CA LYS A 99 7.06 -1.80 10.68
C LYS A 99 5.87 -1.85 11.67
N GLU A 100 5.41 -0.69 12.09
CA GLU A 100 4.25 -0.63 13.03
C GLU A 100 3.05 -1.36 12.49
N LEU A 101 2.77 -1.15 11.20
CA LEU A 101 1.62 -1.76 10.55
C LEU A 101 1.79 -3.26 10.33
N SER A 102 3.00 -3.68 9.96
CA SER A 102 3.31 -5.10 9.84
C SER A 102 3.11 -5.81 11.20
N LEU A 103 3.53 -5.14 12.29
CA LEU A 103 3.44 -5.69 13.65
C LEU A 103 2.01 -5.95 14.11
N LEU A 104 1.03 -5.33 13.45
CA LEU A 104 -0.39 -5.58 13.81
C LEU A 104 -0.81 -7.04 13.53
N SER A 105 -0.05 -7.77 12.72
CA SER A 105 -0.44 -9.20 12.53
C SER A 105 -0.26 -10.05 13.76
N GLY A 106 0.62 -9.60 14.68
CA GLY A 106 0.87 -10.31 15.93
C GLY A 106 0.33 -9.70 17.20
N GLU A 107 -0.53 -8.68 17.05
CA GLU A 107 -1.15 -8.04 18.23
C GLU A 107 -2.39 -8.78 18.69
N VAL A 108 -3.04 -8.34 19.76
CA VAL A 108 -4.16 -9.03 20.36
C VAL A 108 -5.47 -8.24 20.32
N CYS A 109 -5.48 -7.03 20.90
CA CYS A 109 -6.69 -6.20 20.94
C CYS A 109 -7.04 -5.66 19.55
N ASN A 110 -6.01 -5.23 18.82
CA ASN A 110 -6.15 -4.68 17.48
C ASN A 110 -5.18 -5.41 16.54
N ARG A 111 -5.73 -6.36 15.82
CA ARG A 111 -4.95 -7.34 15.06
CA ARG A 111 -4.94 -7.28 15.02
C ARG A 111 -5.49 -7.39 13.60
N THR A 112 -4.58 -7.25 12.63
CA THR A 112 -4.95 -7.41 11.21
C THR A 112 -3.68 -7.84 10.43
N GLU A 113 -3.87 -8.68 9.44
CA GLU A 113 -2.87 -9.03 8.45
C GLU A 113 -3.01 -8.24 7.16
N GLY A 114 -3.80 -7.16 7.13
CA GLY A 114 -4.14 -6.51 5.83
C GLY A 114 -3.13 -5.45 5.38
N PHE A 115 -2.10 -5.19 6.18
CA PHE A 115 -0.97 -4.38 5.73
C PHE A 115 0.20 -5.27 5.29
N ILE A 116 1.02 -4.78 4.38
CA ILE A 116 2.15 -5.64 3.82
C ILE A 116 3.14 -6.03 4.95
N GLY A 117 3.52 -7.30 5.00
CA GLY A 117 4.46 -7.79 5.98
C GLY A 117 5.82 -7.24 5.63
N LEU A 118 6.52 -6.73 6.60
CA LEU A 118 7.92 -6.28 6.43
C LEU A 118 8.86 -7.28 7.08
N ASN A 119 9.69 -7.96 6.28
CA ASN A 119 10.62 -8.97 6.77
C ASN A 119 11.95 -8.40 7.25
N SER A 120 12.52 -7.44 6.54
CA SER A 120 13.83 -6.89 6.96
C SER A 120 14.09 -5.55 6.29
N VAL A 121 15.01 -4.81 6.88
CA VAL A 121 15.49 -3.53 6.33
C VAL A 121 17.00 -3.49 6.48
N HIS A 122 17.69 -3.12 5.40
CA HIS A 122 19.15 -2.99 5.42
C HIS A 122 19.57 -1.72 4.77
N CYS A 123 20.69 -1.19 5.22
CA CYS A 123 21.36 -0.15 4.48
C CYS A 123 22.53 -0.78 3.77
N VAL A 124 22.57 -0.63 2.46
CA VAL A 124 23.55 -1.28 1.63
C VAL A 124 24.41 -0.19 0.95
N GLN A 125 25.67 -0.52 0.63
N GLN A 125 25.69 -0.49 0.69
CA GLN A 125 26.56 0.38 -0.08
CA GLN A 125 26.58 0.41 -0.06
C GLN A 125 27.23 -0.32 -1.25
C GLN A 125 27.14 -0.37 -1.26
N GLY A 126 27.15 0.27 -2.43
CA GLY A 126 27.78 -0.26 -3.61
C GLY A 126 27.16 0.21 -4.91
N SER A 127 27.79 -0.16 -6.02
CA SER A 127 27.17 0.07 -7.30
C SER A 127 26.02 -0.96 -7.50
N TYR A 128 25.18 -0.65 -8.45
CA TYR A 128 23.95 -1.46 -8.67
C TYR A 128 24.35 -2.81 -9.23
N PRO A 129 23.86 -3.91 -8.65
CA PRO A 129 24.27 -5.23 -9.18
C PRO A 129 23.93 -5.43 -10.65
N PRO A 130 24.90 -5.91 -11.43
CA PRO A 130 24.63 -6.24 -12.83
C PRO A 130 23.47 -7.23 -13.02
N LEU A 131 23.26 -8.16 -12.11
CA LEU A 131 22.10 -9.07 -12.28
C LEU A 131 20.77 -8.31 -12.17
N LEU A 132 20.71 -7.28 -11.33
CA LEU A 132 19.48 -6.47 -11.22
C LEU A 132 19.32 -5.58 -12.47
N LEU A 133 20.43 -5.14 -13.06
CA LEU A 133 20.35 -4.37 -14.32
C LEU A 133 19.79 -5.23 -15.43
N LYS A 134 20.18 -6.51 -15.47
CA LYS A 134 19.61 -7.45 -16.44
C LYS A 134 18.09 -7.57 -16.27
N ALA A 135 17.64 -7.73 -15.03
CA ALA A 135 16.22 -7.75 -14.70
C ALA A 135 15.48 -6.43 -15.09
N TRP A 136 16.13 -5.32 -14.83
CA TRP A 136 15.62 -3.99 -15.19
C TRP A 136 15.44 -3.88 -16.72
N ASP A 137 16.45 -4.33 -17.45
CA ASP A 137 16.41 -4.31 -18.93
C ASP A 137 15.28 -5.16 -19.49
N HIS A 138 15.09 -6.37 -18.94
CA HIS A 138 13.99 -7.23 -19.40
C HIS A 138 12.66 -6.55 -19.22
N TYR A 139 12.43 -5.94 -18.07
CA TYR A 139 11.16 -5.20 -17.81
C TYR A 139 11.01 -4.03 -18.82
N ASN A 140 12.11 -3.30 -19.03
CA ASN A 140 12.10 -2.19 -19.99
C ASN A 140 11.73 -2.63 -21.41
N SER A 141 12.24 -3.77 -21.84
CA SER A 141 11.92 -4.31 -23.17
C SER A 141 10.54 -4.86 -23.30
N THR A 142 9.92 -5.26 -22.21
CA THR A 142 8.64 -5.94 -22.30
C THR A 142 7.49 -5.00 -21.90
N LYS A 143 7.68 -4.19 -20.87
CA LYS A 143 6.61 -3.33 -20.35
C LYS A 143 6.90 -1.85 -20.51
N GLY A 144 8.17 -1.49 -20.65
CA GLY A 144 8.58 -0.10 -20.71
C GLY A 144 8.70 0.57 -19.35
N SER A 145 9.75 1.37 -19.18
CA SER A 145 10.03 2.02 -17.88
C SER A 145 9.98 3.53 -18.00
N ALA A 146 9.54 4.19 -16.94
CA ALA A 146 9.58 5.65 -16.85
C ALA A 146 10.87 6.08 -16.16
N ASN A 147 11.66 5.11 -15.68
CA ASN A 147 12.82 5.41 -14.85
C ASN A 147 14.13 5.47 -15.65
N ASP A 148 15.14 6.07 -15.05
CA ASP A 148 16.51 5.95 -15.54
C ASP A 148 17.06 4.54 -15.29
N ARG A 149 17.82 4.02 -16.26
CA ARG A 149 18.53 2.75 -16.05
C ARG A 149 19.52 2.95 -14.90
N PRO A 150 19.39 2.14 -13.83
CA PRO A 150 20.17 2.48 -12.64
C PRO A 150 21.62 2.03 -12.69
N ASP A 151 22.36 2.47 -13.70
CA ASP A 151 23.69 1.98 -13.97
C ASP A 151 24.76 3.01 -13.70
N PHE A 152 24.38 4.15 -13.14
CA PHE A 152 25.24 5.33 -12.97
C PHE A 152 25.72 5.48 -11.51
N PHE A 153 25.32 4.57 -10.62
CA PHE A 153 25.68 4.70 -9.19
C PHE A 153 27.12 4.22 -9.00
N LYS A 154 27.87 4.94 -8.18
CA LYS A 154 29.25 4.56 -7.86
C LYS A 154 29.31 3.62 -6.65
N ASP A 155 30.50 3.12 -6.34
CA ASP A 155 30.72 2.12 -5.30
C ASP A 155 30.52 2.67 -3.87
N ASP A 156 30.37 3.99 -3.74
CA ASP A 156 30.07 4.60 -2.45
C ASP A 156 28.58 4.89 -2.24
N GLN A 157 27.74 4.59 -3.22
CA GLN A 157 26.32 4.89 -3.11
C GLN A 157 25.64 4.11 -2.01
N LEU A 158 24.83 4.80 -1.20
CA LEU A 158 23.99 4.14 -0.22
C LEU A 158 22.56 3.86 -0.74
N PHE A 159 21.97 2.75 -0.30
CA PHE A 159 20.61 2.40 -0.59
C PHE A 159 19.96 1.88 0.69
N ILE A 160 18.66 2.05 0.77
CA ILE A 160 17.87 1.23 1.68
C ILE A 160 17.26 0.11 0.87
N VAL A 161 17.41 -1.10 1.39
CA VAL A 161 16.80 -2.28 0.80
C VAL A 161 15.75 -2.84 1.80
N LEU A 162 14.49 -2.85 1.38
CA LEU A 162 13.39 -3.37 2.18
C LEU A 162 12.93 -4.68 1.58
N GLU A 163 12.85 -5.72 2.41
CA GLU A 163 12.29 -6.97 1.99
C GLU A 163 10.89 -7.11 2.61
N PHE A 164 9.91 -7.24 1.73
CA PHE A 164 8.48 -7.39 2.07
C PHE A 164 7.98 -8.76 1.72
N GLU A 165 6.93 -9.17 2.42
CA GLU A 165 6.06 -10.19 1.94
C GLU A 165 5.69 -9.90 0.47
N PHE A 166 5.57 -10.93 -0.35
CA PHE A 166 5.15 -10.71 -1.77
C PHE A 166 3.63 -10.48 -1.70
N GLY A 167 3.15 -9.32 -2.14
CA GLY A 167 1.76 -8.95 -2.01
C GLY A 167 0.89 -9.24 -3.23
N GLY A 168 1.48 -9.68 -4.35
CA GLY A 168 0.71 -9.95 -5.55
C GLY A 168 0.75 -8.85 -6.59
N ILE A 169 -0.43 -8.54 -7.15
CA ILE A 169 -0.54 -7.54 -8.22
C ILE A 169 -1.50 -6.41 -7.76
N ASP A 170 -1.21 -5.17 -8.14
CA ASP A 170 -2.03 -4.06 -7.71
C ASP A 170 -3.44 -4.09 -8.40
N LEU A 171 -4.39 -3.47 -7.69
CA LEU A 171 -5.79 -3.43 -8.08
C LEU A 171 -5.96 -2.81 -9.51
N GLU A 172 -5.21 -1.73 -9.80
CA GLU A 172 -5.27 -1.09 -11.11
C GLU A 172 -4.95 -2.08 -12.22
N GLN A 173 -3.88 -2.87 -12.02
CA GLN A 173 -3.56 -3.93 -12.98
C GLN A 173 -4.52 -5.10 -13.04
N MET A 174 -5.38 -5.24 -12.03
CA MET A 174 -6.41 -6.28 -11.98
C MET A 174 -7.78 -5.74 -12.48
N ARG A 175 -7.76 -4.58 -13.14
CA ARG A 175 -8.99 -3.87 -13.54
C ARG A 175 -9.91 -4.81 -14.32
N THR A 176 -9.35 -5.71 -15.12
CA THR A 176 -10.15 -6.61 -15.96
C THR A 176 -10.09 -8.09 -15.58
N LYS A 177 -9.60 -8.38 -14.38
CA LYS A 177 -9.24 -9.74 -13.98
C LYS A 177 -10.07 -10.33 -12.82
N LEU A 178 -10.83 -9.52 -12.11
CA LEU A 178 -11.59 -10.03 -10.96
C LEU A 178 -12.88 -10.75 -11.38
N SER A 179 -13.28 -11.68 -10.55
CA SER A 179 -14.42 -12.51 -10.84
C SER A 179 -15.76 -11.75 -10.91
N SER A 180 -16.08 -10.99 -9.86
CA SER A 180 -17.43 -10.39 -9.76
C SER A 180 -17.45 -9.32 -8.72
N LEU A 181 -18.54 -8.56 -8.64
CA LEU A 181 -18.70 -7.58 -7.58
C LEU A 181 -18.71 -8.24 -6.17
N ALA A 182 -18.95 -9.54 -6.02
CA ALA A 182 -18.76 -10.23 -4.74
C ALA A 182 -17.30 -10.06 -4.29
N THR A 183 -16.38 -10.15 -5.25
CA THR A 183 -14.95 -9.96 -4.99
C THR A 183 -14.64 -8.54 -4.59
N ALA A 184 -15.29 -7.59 -5.25
CA ALA A 184 -15.13 -6.18 -4.94
C ALA A 184 -15.56 -5.93 -3.52
N LYS A 185 -16.66 -6.57 -3.11
CA LYS A 185 -17.19 -6.38 -1.74
C LYS A 185 -16.14 -6.87 -0.71
N SER A 186 -15.57 -8.02 -0.96
CA SER A 186 -14.54 -8.59 -0.06
C SER A 186 -13.40 -7.64 0.03
N ILE A 187 -12.95 -7.12 -1.10
CA ILE A 187 -11.78 -6.22 -1.10
C ILE A 187 -12.07 -4.95 -0.26
N LEU A 188 -13.23 -4.35 -0.48
CA LEU A 188 -13.66 -3.16 0.30
C LEU A 188 -13.74 -3.46 1.82
N HIS A 189 -14.31 -4.61 2.17
CA HIS A 189 -14.42 -5.05 3.56
C HIS A 189 -13.04 -5.24 4.21
N GLN A 190 -12.14 -5.89 3.47
CA GLN A 190 -10.75 -6.11 3.95
C GLN A 190 -10.04 -4.80 4.21
N LEU A 191 -10.17 -3.88 3.26
CA LEU A 191 -9.53 -2.55 3.37
C LEU A 191 -10.10 -1.76 4.52
N THR A 192 -11.43 -1.79 4.65
CA THR A 192 -12.10 -1.03 5.73
C THR A 192 -11.70 -1.57 7.13
N ALA A 193 -11.67 -2.90 7.26
CA ALA A 193 -11.28 -3.54 8.53
C ALA A 193 -9.81 -3.22 8.87
N SER A 194 -8.90 -3.34 7.91
CA SER A 194 -7.48 -3.06 8.18
C SER A 194 -7.27 -1.63 8.60
N LEU A 195 -7.91 -0.70 7.88
CA LEU A 195 -7.83 0.75 8.26
C LEU A 195 -8.41 1.01 9.64
N ALA A 196 -9.53 0.37 9.96
CA ALA A 196 -10.17 0.48 11.30
C ALA A 196 -9.29 0.00 12.43
N VAL A 197 -8.66 -1.16 12.23
CA VAL A 197 -7.72 -1.70 13.21
C VAL A 197 -6.54 -0.77 13.43
N ALA A 198 -6.01 -0.16 12.36
CA ALA A 198 -4.87 0.76 12.44
C ALA A 198 -5.29 2.11 13.05
N GLU A 199 -6.53 2.56 12.81
CA GLU A 199 -7.06 3.77 13.48
C GLU A 199 -7.09 3.52 14.98
N ALA A 200 -7.60 2.35 15.34
CA ALA A 200 -7.84 2.05 16.77
C ALA A 200 -6.49 1.89 17.51
N SER A 201 -5.49 1.29 16.86
CA SER A 201 -4.22 0.99 17.51
CA SER A 201 -4.22 1.00 17.53
C SER A 201 -3.23 2.16 17.45
N LEU A 202 -3.22 2.84 16.29
CA LEU A 202 -2.14 3.78 15.95
C LEU A 202 -2.60 5.17 15.50
N ARG A 203 -3.91 5.42 15.49
CA ARG A 203 -4.42 6.71 14.97
C ARG A 203 -3.89 6.98 13.56
N PHE A 204 -3.96 5.91 12.77
CA PHE A 204 -3.41 5.86 11.43
C PHE A 204 -4.28 6.46 10.34
N GLU A 205 -3.64 7.22 9.45
CA GLU A 205 -4.25 7.63 8.19
C GLU A 205 -3.26 7.26 7.10
N HIS A 206 -3.74 6.55 6.08
CA HIS A 206 -2.90 6.18 4.97
C HIS A 206 -2.52 7.39 4.11
N ARG A 207 -3.55 8.15 3.72
CA ARG A 207 -3.43 9.45 2.98
C ARG A 207 -3.06 9.39 1.50
N ASP A 208 -2.85 8.20 0.96
CA ASP A 208 -2.56 8.06 -0.44
C ASP A 208 -2.95 6.70 -0.97
N LEU A 209 -4.17 6.28 -0.63
CA LEU A 209 -4.58 4.91 -0.93
C LEU A 209 -5.26 4.79 -2.31
N HIS A 210 -4.54 5.18 -3.34
CA HIS A 210 -5.01 4.99 -4.69
C HIS A 210 -4.89 3.53 -5.09
N TRP A 211 -5.46 3.18 -6.25
CA TRP A 211 -5.60 1.77 -6.58
C TRP A 211 -4.31 1.10 -7.02
N GLY A 212 -3.23 1.87 -7.16
CA GLY A 212 -1.92 1.26 -7.31
C GLY A 212 -1.30 0.80 -5.96
N ASN A 213 -1.92 1.17 -4.83
CA ASN A 213 -1.42 0.84 -3.48
C ASN A 213 -2.19 -0.23 -2.73
N VAL A 214 -3.05 -0.96 -3.48
CA VAL A 214 -3.85 -2.07 -2.96
C VAL A 214 -3.37 -3.28 -3.73
N LEU A 215 -2.75 -4.23 -3.03
CA LEU A 215 -2.28 -5.44 -3.69
C LEU A 215 -3.18 -6.63 -3.42
N LEU A 216 -3.30 -7.49 -4.42
CA LEU A 216 -4.16 -8.67 -4.36
C LEU A 216 -3.34 -9.94 -4.67
N LYS A 217 -3.48 -10.94 -3.82
CA LYS A 217 -2.92 -12.24 -4.09
C LYS A 217 -3.90 -13.34 -3.66
N LYS A 218 -3.77 -14.46 -4.33
CA LYS A 218 -4.59 -15.62 -4.04
C LYS A 218 -4.39 -16.15 -2.65
N THR A 219 -5.48 -16.59 -2.01
CA THR A 219 -5.42 -17.32 -0.73
C THR A 219 -6.35 -18.51 -0.78
N SER A 220 -5.98 -19.58 -0.07
CA SER A 220 -6.84 -20.74 0.05
C SER A 220 -7.73 -20.65 1.30
N LEU A 221 -7.50 -19.64 2.14
CA LEU A 221 -8.38 -19.41 3.27
C LEU A 221 -9.76 -18.94 2.76
N LYS A 222 -10.83 -19.47 3.33
CA LYS A 222 -12.18 -19.06 2.95
C LYS A 222 -12.57 -17.79 3.65
N LYS A 223 -12.01 -17.57 4.83
CA LYS A 223 -12.27 -16.36 5.53
C LYS A 223 -11.01 -15.84 6.26
N LEU A 224 -10.95 -14.54 6.38
CA LEU A 224 -9.85 -13.81 6.99
C LEU A 224 -10.32 -13.27 8.34
N HIS A 225 -9.38 -13.15 9.29
CA HIS A 225 -9.68 -12.85 10.67
C HIS A 225 -9.09 -11.53 11.04
N TYR A 226 -9.81 -10.73 11.83
CA TYR A 226 -9.26 -9.49 12.43
C TYR A 226 -9.87 -9.33 13.83
N THR A 227 -9.25 -8.49 14.65
CA THR A 227 -9.76 -8.14 15.98
C THR A 227 -9.68 -6.61 16.10
N LEU A 228 -10.80 -5.99 16.45
CA LEU A 228 -10.89 -4.55 16.61
C LEU A 228 -11.33 -4.30 18.05
N ASN A 229 -10.47 -3.59 18.82
CA ASN A 229 -10.68 -3.30 20.23
C ASN A 229 -11.20 -4.51 20.99
N GLY A 230 -10.56 -5.65 20.77
CA GLY A 230 -10.84 -6.85 21.49
C GLY A 230 -11.96 -7.72 20.95
N LYS A 231 -12.67 -7.24 19.94
CA LYS A 231 -13.76 -7.99 19.31
C LYS A 231 -13.33 -8.59 17.98
N SER A 232 -13.35 -9.91 17.87
CA SER A 232 -12.87 -10.59 16.66
C SER A 232 -14.02 -10.87 15.72
N SER A 233 -13.73 -10.86 14.43
CA SER A 233 -14.70 -11.22 13.43
C SER A 233 -13.99 -11.72 12.17
N THR A 234 -14.76 -12.07 11.15
CA THR A 234 -14.20 -12.69 9.94
C THR A 234 -14.78 -12.06 8.68
N ILE A 235 -14.05 -12.18 7.58
CA ILE A 235 -14.42 -11.57 6.29
C ILE A 235 -14.29 -12.67 5.23
N PRO A 236 -15.39 -12.96 4.49
CA PRO A 236 -15.17 -13.97 3.41
C PRO A 236 -14.14 -13.45 2.39
N SER A 237 -13.17 -14.27 2.00
CA SER A 237 -12.04 -13.78 1.20
C SER A 237 -12.37 -13.70 -0.31
N CYS A 238 -13.33 -14.51 -0.77
CA CYS A 238 -13.52 -14.77 -2.20
C CYS A 238 -12.20 -15.19 -2.90
N GLY A 239 -11.35 -15.92 -2.16
CA GLY A 239 -10.06 -16.41 -2.67
C GLY A 239 -8.94 -15.36 -2.83
N LEU A 240 -9.12 -14.16 -2.29
CA LEU A 240 -8.10 -13.10 -2.37
C LEU A 240 -7.74 -12.53 -1.02
N GLN A 241 -6.45 -12.29 -0.82
CA GLN A 241 -5.91 -11.59 0.33
CA GLN A 241 -6.00 -11.53 0.33
C GLN A 241 -5.47 -10.19 -0.12
N VAL A 242 -5.95 -9.15 0.54
CA VAL A 242 -5.58 -7.79 0.22
C VAL A 242 -4.39 -7.36 1.11
N SER A 243 -3.44 -6.63 0.52
CA SER A 243 -2.36 -5.98 1.28
C SER A 243 -2.27 -4.52 0.90
N ILE A 244 -2.30 -3.66 1.90
CA ILE A 244 -2.09 -2.25 1.75
C ILE A 244 -0.58 -1.93 1.75
N ILE A 245 -0.14 -1.03 0.87
CA ILE A 245 1.26 -0.63 0.76
C ILE A 245 1.42 0.91 0.67
N ASP A 246 2.67 1.40 0.76
CA ASP A 246 3.08 2.80 0.42
C ASP A 246 2.70 3.85 1.44
N TYR A 247 3.66 4.14 2.33
CA TYR A 247 3.42 4.97 3.50
C TYR A 247 4.10 6.34 3.44
N THR A 248 4.48 6.78 2.27
CA THR A 248 5.23 8.05 2.15
C THR A 248 4.44 9.26 2.63
N LEU A 249 3.12 9.21 2.49
CA LEU A 249 2.26 10.30 2.94
C LEU A 249 1.53 10.02 4.25
N SER A 250 1.78 8.85 4.85
CA SER A 250 0.95 8.37 5.96
C SER A 250 1.29 9.05 7.29
N ARG A 251 0.39 8.86 8.26
CA ARG A 251 0.50 9.48 9.60
C ARG A 251 0.02 8.47 10.63
N LEU A 252 0.75 8.38 11.74
CA LEU A 252 0.31 7.59 12.86
C LEU A 252 1.01 8.13 14.11
N GLU A 253 0.68 7.54 15.24
CA GLU A 253 1.25 8.00 16.50
C GLU A 253 1.28 6.88 17.55
N ARG A 254 2.22 6.99 18.49
CA ARG A 254 2.30 6.12 19.65
C ARG A 254 2.70 6.99 20.85
N ASP A 255 1.92 6.85 21.92
CA ASP A 255 2.10 7.64 23.13
C ASP A 255 2.31 9.14 22.82
N GLY A 256 1.56 9.66 21.86
CA GLY A 256 1.55 11.08 21.51
C GLY A 256 2.67 11.63 20.66
N ILE A 257 3.54 10.74 20.17
CA ILE A 257 4.58 11.12 19.22
CA ILE A 257 4.58 11.11 19.23
C ILE A 257 4.02 10.79 17.86
N VAL A 258 3.89 11.82 17.01
CA VAL A 258 3.27 11.69 15.72
C VAL A 258 4.36 11.58 14.65
N VAL A 259 4.22 10.59 13.78
CA VAL A 259 5.06 10.43 12.61
C VAL A 259 4.15 10.76 11.44
N PHE A 260 4.52 11.76 10.63
CA PHE A 260 3.67 12.16 9.48
C PHE A 260 4.51 12.94 8.46
N CYS A 261 4.00 13.02 7.22
CA CYS A 261 4.59 13.80 6.15
C CYS A 261 3.93 15.17 6.09
N ASP A 262 4.68 16.21 6.39
CA ASP A 262 4.16 17.58 6.37
C ASP A 262 4.11 18.11 4.94
N VAL A 263 2.95 17.99 4.28
CA VAL A 263 2.80 18.51 2.91
C VAL A 263 2.14 19.91 2.89
N SER A 264 2.20 20.65 4.00
CA SER A 264 1.46 21.93 4.12
C SER A 264 1.96 22.98 3.17
N MET A 265 3.23 22.92 2.78
CA MET A 265 3.79 23.86 1.82
C MET A 265 3.89 23.27 0.42
N ASP A 266 3.42 22.04 0.22
CA ASP A 266 3.47 21.47 -1.14
C ASP A 266 2.43 22.15 -2.04
N GLU A 267 2.84 22.43 -3.27
CA GLU A 267 1.93 23.03 -4.24
C GLU A 267 1.32 21.94 -5.13
N ASP A 268 2.20 21.16 -5.76
CA ASP A 268 1.82 20.24 -6.83
C ASP A 268 0.84 19.18 -6.38
N LEU A 269 0.93 18.73 -5.14
CA LEU A 269 0.06 17.65 -4.67
C LEU A 269 -1.44 18.00 -4.82
N PHE A 270 -1.77 19.29 -4.72
CA PHE A 270 -3.16 19.77 -4.70
C PHE A 270 -3.69 20.33 -6.02
N THR A 271 -2.89 20.24 -7.08
CA THR A 271 -3.23 20.86 -8.38
C THR A 271 -3.40 19.82 -9.48
N GLY A 272 -3.65 18.56 -9.14
CA GLY A 272 -3.81 17.52 -10.14
C GLY A 272 -5.21 17.55 -10.74
N ASP A 273 -5.36 16.97 -11.93
CA ASP A 273 -6.65 16.86 -12.60
CA ASP A 273 -6.66 16.84 -12.59
C ASP A 273 -6.79 15.54 -13.39
N GLY A 274 -8.02 15.20 -13.80
CA GLY A 274 -8.26 14.02 -14.64
C GLY A 274 -8.70 12.72 -13.98
N ASP A 275 -8.79 12.70 -12.65
CA ASP A 275 -9.15 11.49 -11.91
C ASP A 275 -9.57 11.96 -10.54
N TYR A 276 -10.53 11.26 -9.94
CA TYR A 276 -11.05 11.61 -8.61
C TYR A 276 -9.93 11.58 -7.56
N GLN A 277 -8.89 10.75 -7.81
CA GLN A 277 -7.72 10.68 -6.95
C GLN A 277 -7.24 12.09 -6.56
N PHE A 278 -7.15 12.99 -7.54
CA PHE A 278 -6.53 14.27 -7.26
C PHE A 278 -7.45 15.19 -6.46
N ASP A 279 -8.77 14.96 -6.54
CA ASP A 279 -9.72 15.61 -5.64
C ASP A 279 -9.48 15.19 -4.20
N ILE A 280 -9.16 13.92 -3.98
CA ILE A 280 -9.00 13.44 -2.62
C ILE A 280 -7.87 14.21 -1.91
N TYR A 281 -6.78 14.56 -2.59
CA TYR A 281 -5.75 15.37 -1.89
C TYR A 281 -6.36 16.70 -1.44
N ARG A 282 -7.12 17.35 -2.33
CA ARG A 282 -7.74 18.61 -1.98
C ARG A 282 -8.77 18.45 -0.85
N LEU A 283 -9.55 17.36 -0.91
CA LEU A 283 -10.59 17.11 0.09
C LEU A 283 -9.98 16.85 1.47
N MET A 284 -8.84 16.17 1.51
CA MET A 284 -8.13 15.97 2.78
C MET A 284 -7.65 17.29 3.38
N LYS A 285 -7.12 18.16 2.55
CA LYS A 285 -6.64 19.47 3.00
C LYS A 285 -7.79 20.33 3.56
N LYS A 286 -8.96 20.23 2.90
CA LYS A 286 -10.16 20.88 3.42
C LYS A 286 -10.52 20.35 4.81
N GLU A 287 -10.55 19.03 4.94
CA GLU A 287 -10.89 18.36 6.22
C GLU A 287 -9.96 18.76 7.35
N ASN A 288 -8.65 18.87 7.06
CA ASN A 288 -7.67 19.07 8.15
C ASN A 288 -7.16 20.50 8.31
N ASN A 289 -7.76 21.43 7.55
CA ASN A 289 -7.35 22.84 7.57
C ASN A 289 -5.86 23.01 7.31
N ASN A 290 -5.33 22.13 6.46
CA ASN A 290 -3.89 22.12 6.10
C ASN A 290 -2.95 21.92 7.30
N ARG A 291 -3.43 21.26 8.36
CA ARG A 291 -2.60 20.85 9.50
C ARG A 291 -2.41 19.31 9.50
N TRP A 292 -1.28 18.87 8.95
CA TRP A 292 -1.06 17.42 8.63
C TRP A 292 -0.65 16.59 9.81
N GLY A 293 -0.26 17.27 10.89
CA GLY A 293 0.06 16.63 12.16
C GLY A 293 -1.15 16.12 12.93
N GLU A 294 -2.33 16.71 12.69
CA GLU A 294 -3.52 16.33 13.44
C GLU A 294 -4.02 14.99 12.97
N TYR A 295 -4.89 14.39 13.78
CA TYR A 295 -5.58 13.15 13.41
C TYR A 295 -6.97 13.42 12.83
N HIS A 296 -7.13 13.11 11.55
CA HIS A 296 -8.42 13.21 10.85
C HIS A 296 -8.69 11.90 10.14
N PRO A 297 -9.29 10.95 10.84
CA PRO A 297 -9.51 9.65 10.17
C PRO A 297 -10.55 9.67 9.06
N TYR A 298 -11.25 10.79 8.89
CA TYR A 298 -12.10 10.95 7.72
C TYR A 298 -11.30 10.80 6.44
N SER A 299 -9.98 11.05 6.46
CA SER A 299 -9.20 10.83 5.22
C SER A 299 -9.25 9.39 4.75
N ASN A 300 -9.36 8.42 5.67
CA ASN A 300 -9.47 7.03 5.32
C ASN A 300 -10.83 6.76 4.62
N VAL A 301 -11.87 7.39 5.12
CA VAL A 301 -13.22 7.32 4.48
C VAL A 301 -13.16 7.87 3.04
N LEU A 302 -12.49 9.03 2.87
CA LEU A 302 -12.34 9.62 1.56
C LEU A 302 -11.64 8.61 0.59
N TRP A 303 -10.53 7.99 1.00
CA TRP A 303 -9.87 6.99 0.14
C TRP A 303 -10.72 5.79 -0.15
N LEU A 304 -11.44 5.28 0.85
CA LEU A 304 -12.38 4.16 0.61
C LEU A 304 -13.49 4.52 -0.39
N HIS A 305 -13.95 5.76 -0.35
CA HIS A 305 -14.93 6.28 -1.30
C HIS A 305 -14.35 6.29 -2.70
N TYR A 306 -13.13 6.81 -2.83
CA TYR A 306 -12.42 6.76 -4.10
C TYR A 306 -12.28 5.33 -4.64
N LEU A 307 -11.99 4.38 -3.76
CA LEU A 307 -11.80 2.98 -4.13
C LEU A 307 -13.13 2.36 -4.54
N THR A 308 -14.18 2.67 -3.80
CA THR A 308 -15.52 2.19 -4.15
C THR A 308 -15.95 2.71 -5.53
N ASP A 309 -15.67 3.99 -5.79
CA ASP A 309 -15.93 4.65 -7.05
C ASP A 309 -15.19 3.92 -8.20
N LYS A 310 -13.91 3.59 -7.99
CA LYS A 310 -13.15 2.77 -8.95
C LYS A 310 -13.82 1.42 -9.21
N MET A 311 -14.31 0.76 -8.17
CA MET A 311 -14.95 -0.57 -8.30
CA MET A 311 -14.93 -0.55 -8.38
C MET A 311 -16.22 -0.49 -9.20
N LEU A 312 -16.98 0.60 -9.03
CA LEU A 312 -18.23 0.75 -9.77
C LEU A 312 -18.08 1.35 -11.19
N LYS A 313 -17.04 2.11 -11.44
CA LYS A 313 -16.91 2.90 -12.65
C LYS A 313 -15.76 2.49 -13.54
N GLN A 314 -14.67 1.96 -12.99
CA GLN A 314 -13.53 1.51 -13.82
C GLN A 314 -13.27 -0.02 -13.81
N MET A 315 -13.61 -0.76 -12.78
CA MET A 315 -13.32 -2.20 -12.77
C MET A 315 -14.33 -2.83 -13.78
N THR A 316 -13.96 -3.93 -14.42
CA THR A 316 -14.90 -4.70 -15.25
C THR A 316 -14.69 -6.16 -14.88
N PHE A 317 -15.80 -6.85 -14.63
CA PHE A 317 -15.80 -8.15 -14.01
C PHE A 317 -16.10 -9.27 -14.99
N LYS A 318 -15.42 -10.40 -14.78
CA LYS A 318 -15.59 -11.57 -15.65
C LYS A 318 -17.03 -12.09 -15.65
N THR A 319 -17.68 -12.08 -14.48
CA THR A 319 -19.09 -12.44 -14.36
C THR A 319 -19.85 -11.25 -13.84
N LYS A 320 -20.88 -10.84 -14.58
CA LYS A 320 -21.62 -9.63 -14.16
C LYS A 320 -22.71 -10.09 -13.18
N CYS A 321 -23.48 -9.13 -12.69
CA CYS A 321 -24.54 -9.39 -11.72
C CYS A 321 -25.76 -9.87 -12.47
N ASN A 322 -25.78 -11.18 -12.76
CA ASN A 322 -26.82 -11.75 -13.62
C ASN A 322 -27.93 -12.48 -12.87
N THR A 323 -27.84 -12.57 -11.54
CA THR A 323 -28.87 -13.25 -10.75
C THR A 323 -29.36 -12.26 -9.68
N PRO A 324 -30.55 -12.50 -9.11
CA PRO A 324 -31.05 -11.66 -8.02
C PRO A 324 -30.03 -11.39 -6.91
N ALA A 325 -29.37 -12.43 -6.39
CA ALA A 325 -28.45 -12.24 -5.27
C ALA A 325 -27.25 -11.32 -5.66
N MET A 326 -26.77 -11.47 -6.90
CA MET A 326 -25.65 -10.61 -7.36
C MET A 326 -26.16 -9.16 -7.59
N LYS A 327 -27.36 -8.99 -8.14
CA LYS A 327 -27.89 -7.65 -8.34
C LYS A 327 -28.05 -6.94 -6.98
N GLN A 328 -28.26 -7.71 -5.92
CA GLN A 328 -28.40 -7.15 -4.59
C GLN A 328 -27.06 -6.68 -4.03
N ILE A 329 -25.99 -7.42 -4.33
CA ILE A 329 -24.66 -6.98 -3.90
C ILE A 329 -24.32 -5.70 -4.66
N LYS A 330 -24.60 -5.66 -5.96
CA LYS A 330 -24.39 -4.42 -6.73
C LYS A 330 -25.12 -3.25 -6.07
N ARG A 331 -26.41 -3.43 -5.74
CA ARG A 331 -27.16 -2.35 -5.06
C ARG A 331 -26.58 -1.94 -3.71
N LYS A 332 -26.08 -2.90 -2.93
CA LYS A 332 -25.46 -2.57 -1.65
C LYS A 332 -24.15 -1.80 -1.82
N ILE A 333 -23.36 -2.12 -2.85
CA ILE A 333 -22.14 -1.37 -3.07
C ILE A 333 -22.48 0.06 -3.57
N GLN A 334 -23.49 0.16 -4.43
CA GLN A 334 -24.02 1.48 -4.86
C GLN A 334 -24.50 2.31 -3.66
N GLU A 335 -25.21 1.68 -2.74
CA GLU A 335 -25.66 2.35 -1.51
CA GLU A 335 -25.65 2.41 -1.55
C GLU A 335 -24.46 2.82 -0.65
N PHE A 336 -23.44 1.97 -0.53
CA PHE A 336 -22.20 2.29 0.17
C PHE A 336 -21.60 3.56 -0.40
N HIS A 337 -21.45 3.58 -1.73
CA HIS A 337 -20.90 4.74 -2.45
C HIS A 337 -21.66 6.03 -2.15
N ARG A 338 -22.99 5.97 -2.08
CA ARG A 338 -23.82 7.16 -1.78
C ARG A 338 -23.88 7.62 -0.35
N THR A 339 -23.53 6.75 0.60
CA THR A 339 -23.75 7.00 2.04
C THR A 339 -22.46 7.09 2.84
N MET A 340 -21.39 6.47 2.37
CA MET A 340 -20.17 6.32 3.20
C MET A 340 -19.50 7.66 3.59
N LEU A 341 -19.68 8.71 2.78
CA LEU A 341 -19.08 9.99 3.12
C LEU A 341 -19.74 10.66 4.33
N ASN A 342 -20.87 10.12 4.81
CA ASN A 342 -21.44 10.57 6.05
C ASN A 342 -20.93 9.86 7.31
N PHE A 343 -19.84 9.13 7.19
CA PHE A 343 -19.22 8.37 8.31
C PHE A 343 -17.89 9.04 8.65
N SER A 344 -17.50 8.97 9.92
CA SER A 344 -16.39 9.78 10.40
CA SER A 344 -16.38 9.76 10.43
C SER A 344 -15.00 9.13 10.33
N SER A 345 -14.94 7.82 10.07
CA SER A 345 -13.71 7.02 10.07
C SER A 345 -13.98 5.62 9.48
N ALA A 346 -12.92 4.89 9.18
CA ALA A 346 -13.05 3.47 8.77
C ALA A 346 -13.67 2.65 9.91
N THR A 347 -13.37 3.01 11.15
CA THR A 347 -13.90 2.34 12.33
C THR A 347 -15.44 2.47 12.34
N ASP A 348 -15.93 3.69 12.11
CA ASP A 348 -17.38 4.00 12.07
C ASP A 348 -18.04 3.20 10.93
N LEU A 349 -17.40 3.18 9.76
CA LEU A 349 -17.91 2.39 8.63
C LEU A 349 -18.00 0.88 8.94
N LEU A 350 -16.92 0.35 9.50
CA LEU A 350 -16.89 -1.08 9.78
C LEU A 350 -17.98 -1.48 10.78
N CYS A 351 -18.17 -0.67 11.82
CA CYS A 351 -19.01 -1.03 12.95
C CYS A 351 -20.50 -0.69 12.70
N GLN A 352 -20.75 0.30 11.84
CA GLN A 352 -22.10 0.86 11.63
CA GLN A 352 -22.10 0.82 11.64
C GLN A 352 -22.69 0.70 10.23
N HIS A 353 -21.86 0.56 9.19
CA HIS A 353 -22.42 0.50 7.83
C HIS A 353 -23.11 -0.83 7.53
N SER A 354 -24.29 -0.74 6.93
CA SER A 354 -25.07 -1.93 6.58
C SER A 354 -24.39 -2.88 5.60
N LEU A 355 -23.48 -2.40 4.75
CA LEU A 355 -22.75 -3.27 3.84
C LEU A 355 -22.03 -4.43 4.56
N PHE A 356 -21.56 -4.18 5.77
CA PHE A 356 -20.77 -5.13 6.53
C PHE A 356 -21.55 -5.87 7.56
N LYS A 357 -22.87 -5.88 7.45
CA LYS A 357 -23.71 -6.67 8.34
C LYS A 357 -24.23 -7.90 7.61
#